data_6I9M
#
_entry.id   6I9M
#
_cell.length_a   49.571
_cell.length_b   64.674
_cell.length_c   77.437
_cell.angle_alpha   90.00
_cell.angle_beta   90.00
_cell.angle_gamma   90.00
#
_symmetry.space_group_name_H-M   'P 21 21 21'
#
loop_
_entity.id
_entity.type
_entity.pdbx_description
1 polymer 'JmjC domain-containing protein 5'
2 non-polymer 'MANGANESE (II) ION'
3 non-polymer '(2R)-2-hydroxypentanedioic acid'
4 non-polymer 2-AMINO-2-HYDROXYMETHYL-PROPANE-1,3-DIOL
5 non-polymer GLYCEROL
6 water water
#
_entity_poly.entity_id   1
_entity_poly.type   'polypeptide(L)'
_entity_poly.pdbx_seq_one_letter_code
;MHHHHHHSSGVDLGTENLYFQSTVPRLHRPSLQHFREQFLVPGRPVILKGVADHWPCMQKWSLEYIQEIAGCRTVPVEVG
SRYTDEEWSQTLMTVNEFISKYIVNEPRDVGYLAQHQLFDQIPELKQDISIPDYCSLGDGEEEEITINAWFGPQGTISPL
HQDPQQNFLVQVMGRKYIRLYSPQESGALYPHDTHLLHNTSQVDVENPDLEKFPKFAKAPFLSCILSPGEILFIPVKYWH
YVRALDLSFSVSFWWS
;
_entity_poly.pdbx_strand_id   A
#
loop_
_chem_comp.id
_chem_comp.type
_chem_comp.name
_chem_comp.formula
2HG non-polymer '(2R)-2-hydroxypentanedioic acid' 'C5 H8 O5'
GOL non-polymer GLYCEROL 'C3 H8 O3'
MN non-polymer 'MANGANESE (II) ION' 'Mn 2'
TRS non-polymer 2-AMINO-2-HYDROXYMETHYL-PROPANE-1,3-DIOL 'C4 H12 N O3 1'
#
# COMPACT_ATOMS: atom_id res chain seq x y z
N SER A 22 -0.96 -1.43 -19.47
CA SER A 22 -0.54 -0.04 -19.66
C SER A 22 0.06 0.46 -18.32
N THR A 23 0.74 1.58 -18.38
N THR A 23 0.77 1.58 -18.34
CA THR A 23 1.43 2.14 -17.24
CA THR A 23 1.51 2.05 -17.17
C THR A 23 0.50 3.10 -16.49
C THR A 23 0.80 3.26 -16.54
N VAL A 24 0.75 3.25 -15.22
CA VAL A 24 0.10 4.31 -14.48
C VAL A 24 0.77 5.63 -14.83
N PRO A 25 0.04 6.69 -15.16
CA PRO A 25 0.70 7.96 -15.46
C PRO A 25 1.37 8.62 -14.25
N ARG A 26 2.50 9.29 -14.48
CA ARG A 26 3.20 10.08 -13.47
C ARG A 26 3.02 11.56 -13.75
N LEU A 27 2.54 12.27 -12.78
CA LEU A 27 2.33 13.72 -12.89
C LEU A 27 3.09 14.44 -11.77
N HIS A 28 3.81 15.50 -12.13
CA HIS A 28 4.47 16.34 -11.13
C HIS A 28 3.51 17.37 -10.52
N ARG A 29 3.28 17.26 -9.22
CA ARG A 29 2.48 18.19 -8.41
C ARG A 29 1.31 18.78 -9.19
N PRO A 30 0.35 17.97 -9.62
CA PRO A 30 -0.79 18.53 -10.37
C PRO A 30 -1.63 19.40 -9.46
N SER A 31 -2.33 20.40 -10.03
CA SER A 31 -3.19 21.18 -9.16
C SER A 31 -4.31 20.37 -8.56
N LEU A 32 -4.88 20.88 -7.46
CA LEU A 32 -6.05 20.24 -6.87
C LEU A 32 -7.12 20.03 -7.91
N GLN A 33 -7.38 21.06 -8.73
CA GLN A 33 -8.49 20.94 -9.70
C GLN A 33 -8.23 19.90 -10.78
N HIS A 34 -6.99 19.81 -11.27
CA HIS A 34 -6.61 18.86 -12.30
C HIS A 34 -6.69 17.46 -11.73
N PHE A 35 -6.22 17.32 -10.49
CA PHE A 35 -6.34 15.99 -9.86
C PHE A 35 -7.80 15.61 -9.66
N ARG A 36 -8.62 16.55 -9.16
CA ARG A 36 -10.02 16.25 -8.94
CA ARG A 36 -10.02 16.25 -8.94
C ARG A 36 -10.70 15.84 -10.24
N GLU A 37 -10.49 16.64 -11.28
CA GLU A 37 -11.27 16.44 -12.51
C GLU A 37 -10.81 15.25 -13.33
N GLN A 38 -9.50 14.99 -13.39
N GLN A 38 -9.50 15.00 -13.39
CA GLN A 38 -9.01 13.97 -14.28
CA GLN A 38 -8.97 14.00 -14.30
C GLN A 38 -8.84 12.62 -13.59
C GLN A 38 -8.66 12.67 -13.61
N PHE A 39 -8.75 12.61 -12.28
CA PHE A 39 -8.41 11.35 -11.55
C PHE A 39 -9.37 10.99 -10.42
N LEU A 40 -9.66 11.91 -9.49
CA LEU A 40 -10.50 11.58 -8.36
C LEU A 40 -11.93 11.34 -8.77
N VAL A 41 -12.54 12.27 -9.49
CA VAL A 41 -13.94 12.07 -9.87
C VAL A 41 -14.18 10.92 -10.84
N PRO A 42 -13.38 10.73 -11.89
CA PRO A 42 -13.59 9.55 -12.77
C PRO A 42 -13.03 8.27 -12.19
N GLY A 43 -12.23 8.36 -11.14
CA GLY A 43 -11.73 7.15 -10.53
C GLY A 43 -10.57 6.50 -11.29
N ARG A 44 -9.55 7.28 -11.64
CA ARG A 44 -8.44 6.79 -12.42
CA ARG A 44 -8.44 6.81 -12.43
C ARG A 44 -7.17 6.86 -11.62
N PRO A 45 -6.36 5.81 -11.58
CA PRO A 45 -5.11 5.93 -10.83
C PRO A 45 -4.08 6.86 -11.48
N VAL A 46 -3.17 7.33 -10.64
CA VAL A 46 -2.09 8.20 -11.03
C VAL A 46 -1.01 8.16 -9.97
N ILE A 47 0.24 8.35 -10.39
CA ILE A 47 1.39 8.56 -9.49
C ILE A 47 1.71 10.04 -9.39
N LEU A 48 1.73 10.57 -8.15
CA LEU A 48 2.05 11.97 -7.89
C LEU A 48 3.52 12.06 -7.53
N LYS A 49 4.26 12.88 -8.32
CA LYS A 49 5.67 13.13 -8.14
C LYS A 49 5.86 14.53 -7.58
N GLY A 50 6.92 14.68 -6.80
CA GLY A 50 7.21 16.01 -6.27
C GLY A 50 6.34 16.45 -5.12
N VAL A 51 5.63 15.52 -4.50
CA VAL A 51 4.72 15.82 -3.42
C VAL A 51 5.29 15.37 -2.09
N ALA A 52 5.64 14.08 -1.98
CA ALA A 52 6.16 13.52 -0.76
C ALA A 52 7.66 13.35 -0.79
N ASP A 53 8.33 13.78 -1.88
CA ASP A 53 9.72 13.38 -2.06
C ASP A 53 10.67 14.03 -1.07
N HIS A 54 10.26 15.09 -0.42
CA HIS A 54 11.10 15.75 0.56
CA HIS A 54 11.10 15.75 0.56
C HIS A 54 10.48 15.71 1.94
N TRP A 55 9.49 14.83 2.16
CA TRP A 55 9.08 14.60 3.54
C TRP A 55 10.26 14.06 4.36
N PRO A 56 10.34 14.38 5.67
CA PRO A 56 11.52 13.94 6.44
C PRO A 56 11.71 12.44 6.47
N CYS A 57 10.60 11.68 6.38
CA CYS A 57 10.74 10.23 6.39
C CYS A 57 11.66 9.70 5.30
N MET A 58 11.72 10.40 4.17
CA MET A 58 12.40 9.86 3.01
C MET A 58 13.90 9.81 3.27
N GLN A 59 14.42 10.69 4.13
CA GLN A 59 15.85 10.59 4.46
C GLN A 59 16.08 10.02 5.85
N LYS A 60 15.11 10.13 6.75
CA LYS A 60 15.36 9.76 8.14
C LYS A 60 15.16 8.27 8.42
N TRP A 61 14.28 7.58 7.67
CA TRP A 61 13.82 6.29 8.16
C TRP A 61 14.72 5.14 7.72
N SER A 62 15.90 5.09 8.31
CA SER A 62 16.71 3.91 8.18
C SER A 62 16.23 2.82 9.14
N LEU A 63 16.68 1.57 8.93
CA LEU A 63 16.40 0.54 9.93
C LEU A 63 16.82 0.99 11.28
N GLU A 64 18.00 1.60 11.37
CA GLU A 64 18.48 1.99 12.70
C GLU A 64 17.60 3.03 13.35
N TYR A 65 17.12 3.98 12.57
CA TYR A 65 16.24 4.97 13.16
CA TYR A 65 16.24 4.98 13.12
C TYR A 65 14.92 4.33 13.61
N ILE A 66 14.38 3.44 12.80
CA ILE A 66 13.16 2.73 13.17
C ILE A 66 13.36 1.98 14.45
N GLN A 67 14.51 1.31 14.61
CA GLN A 67 14.81 0.63 15.87
C GLN A 67 14.87 1.60 17.04
N GLU A 68 15.54 2.74 16.85
CA GLU A 68 15.66 3.71 17.94
C GLU A 68 14.30 4.24 18.36
N ILE A 69 13.42 4.56 17.41
CA ILE A 69 12.21 5.24 17.78
C ILE A 69 11.09 4.27 18.17
N ALA A 70 11.10 3.07 17.63
CA ALA A 70 9.96 2.14 17.67
C ALA A 70 10.34 0.75 18.19
N GLY A 71 11.63 0.46 18.37
CA GLY A 71 12.05 -0.93 18.53
C GLY A 71 11.37 -1.68 19.66
N CYS A 72 11.04 -0.99 20.75
CA CYS A 72 10.49 -1.67 21.90
CA CYS A 72 10.49 -1.66 21.91
C CYS A 72 8.97 -1.81 21.84
N ARG A 73 8.32 -1.28 20.83
CA ARG A 73 6.88 -1.30 20.79
C ARG A 73 6.36 -2.56 20.12
N THR A 74 5.16 -2.99 20.52
CA THR A 74 4.55 -4.22 20.05
C THR A 74 3.79 -3.92 18.77
N VAL A 75 3.98 -4.74 17.74
CA VAL A 75 3.25 -4.56 16.48
C VAL A 75 2.69 -5.91 16.05
N PRO A 76 1.62 -5.87 15.25
CA PRO A 76 1.08 -7.08 14.64
C PRO A 76 1.87 -7.40 13.38
N VAL A 77 2.12 -8.68 13.20
CA VAL A 77 2.94 -9.17 12.10
C VAL A 77 2.23 -10.32 11.43
N GLU A 78 2.04 -10.22 10.13
CA GLU A 78 1.46 -11.28 9.31
C GLU A 78 2.57 -12.20 8.84
N VAL A 79 2.43 -13.51 9.10
CA VAL A 79 3.50 -14.46 8.83
C VAL A 79 2.97 -15.50 7.83
N GLY A 80 3.72 -15.69 6.75
CA GLY A 80 3.35 -16.64 5.71
C GLY A 80 3.24 -16.02 4.34
N TRP A 88 -0.49 -18.83 6.68
CA TRP A 88 -1.00 -17.51 7.05
C TRP A 88 -1.42 -17.41 8.55
N SER A 89 -0.68 -16.64 9.34
CA SER A 89 -1.01 -16.41 10.74
C SER A 89 -0.66 -14.97 11.10
N GLN A 90 -1.29 -14.49 12.17
CA GLN A 90 -1.10 -13.17 12.73
C GLN A 90 -0.49 -13.28 14.11
N THR A 91 0.64 -12.64 14.30
CA THR A 91 1.28 -12.72 15.61
C THR A 91 1.64 -11.30 16.08
N LEU A 92 2.26 -11.20 17.28
CA LEU A 92 2.65 -9.95 17.89
C LEU A 92 4.09 -10.08 18.35
N MET A 93 4.88 -9.02 18.12
CA MET A 93 6.25 -9.00 18.56
C MET A 93 6.69 -7.55 18.63
N THR A 94 7.83 -7.32 19.24
CA THR A 94 8.38 -5.99 19.19
C THR A 94 8.95 -5.68 17.79
N VAL A 95 9.05 -4.39 17.51
CA VAL A 95 9.66 -3.98 16.24
C VAL A 95 11.08 -4.51 16.14
N ASN A 96 11.83 -4.52 17.24
CA ASN A 96 13.19 -5.04 17.23
C ASN A 96 13.19 -6.52 16.83
N GLU A 97 12.25 -7.30 17.41
CA GLU A 97 12.15 -8.72 17.07
C GLU A 97 11.77 -8.89 15.62
N PHE A 98 10.87 -8.04 15.12
CA PHE A 98 10.47 -8.17 13.73
C PHE A 98 11.66 -7.95 12.82
N ILE A 99 12.46 -6.95 13.12
CA ILE A 99 13.60 -6.64 12.26
C ILE A 99 14.62 -7.75 12.34
N SER A 100 14.85 -8.25 13.53
CA SER A 100 15.85 -9.31 13.70
CA SER A 100 15.86 -9.31 13.69
C SER A 100 15.44 -10.60 13.00
N LYS A 101 14.18 -11.01 13.15
CA LYS A 101 13.68 -12.28 12.68
C LYS A 101 13.31 -12.29 11.20
N TYR A 102 12.80 -11.17 10.66
CA TYR A 102 12.17 -11.15 9.33
C TYR A 102 12.85 -10.25 8.34
N ILE A 103 13.84 -9.46 8.72
CA ILE A 103 14.49 -8.56 7.80
CA ILE A 103 14.50 -8.51 7.84
C ILE A 103 15.99 -8.83 7.75
N VAL A 104 16.69 -8.74 8.88
CA VAL A 104 18.17 -8.77 8.81
C VAL A 104 18.73 -10.18 8.83
N ASN A 105 18.15 -11.04 9.64
CA ASN A 105 18.69 -12.42 9.68
C ASN A 105 18.07 -13.13 8.47
N GLU A 106 18.85 -14.00 7.79
CA GLU A 106 18.38 -14.81 6.66
C GLU A 106 17.08 -15.33 7.24
N PRO A 107 15.92 -14.77 6.85
CA PRO A 107 14.69 -15.12 7.51
C PRO A 107 14.18 -16.47 7.05
N ARG A 108 13.51 -17.18 7.95
CA ARG A 108 12.93 -18.49 7.71
CA ARG A 108 12.97 -18.49 7.63
C ARG A 108 11.60 -18.41 6.97
N ASP A 109 10.84 -17.35 7.21
CA ASP A 109 9.53 -17.18 6.63
C ASP A 109 9.41 -15.71 6.29
N VAL A 110 8.40 -15.41 5.48
CA VAL A 110 8.04 -14.03 5.16
C VAL A 110 7.17 -13.49 6.28
N GLY A 111 7.55 -12.34 6.81
CA GLY A 111 6.75 -11.66 7.80
C GLY A 111 6.58 -10.22 7.34
N TYR A 112 5.43 -9.66 7.66
CA TYR A 112 5.04 -8.34 7.17
C TYR A 112 4.32 -7.57 8.28
N LEU A 113 4.85 -6.39 8.62
CA LEU A 113 4.19 -5.46 9.53
C LEU A 113 3.28 -4.69 8.61
N ALA A 114 2.07 -5.25 8.46
CA ALA A 114 1.10 -4.76 7.47
C ALA A 114 -0.10 -4.09 8.11
N GLN A 115 -0.57 -3.03 7.50
CA GLN A 115 -1.89 -2.47 7.79
C GLN A 115 -2.00 -2.13 9.27
N HIS A 116 -0.98 -1.43 9.79
CA HIS A 116 -0.96 -1.07 11.21
C HIS A 116 -0.88 0.44 11.40
N GLN A 117 -1.71 0.97 12.31
CA GLN A 117 -1.68 2.39 12.58
C GLN A 117 -0.55 2.72 13.54
N LEU A 118 0.66 2.72 12.98
CA LEU A 118 1.87 2.89 13.72
C LEU A 118 2.01 4.33 14.18
N PHE A 119 1.39 5.25 13.45
CA PHE A 119 1.58 6.67 13.75
C PHE A 119 0.69 7.14 14.89
N ASP A 120 -0.44 6.48 15.11
CA ASP A 120 -1.21 6.75 16.32
CA ASP A 120 -1.24 6.70 16.32
C ASP A 120 -0.50 6.15 17.52
N GLN A 121 0.12 5.00 17.33
CA GLN A 121 0.86 4.33 18.38
C GLN A 121 2.12 5.07 18.77
N ILE A 122 2.83 5.62 17.80
CA ILE A 122 4.09 6.30 17.99
C ILE A 122 3.97 7.69 17.39
N PRO A 123 3.41 8.65 18.12
CA PRO A 123 3.14 9.96 17.51
C PRO A 123 4.35 10.73 17.09
N GLU A 124 5.55 10.43 17.63
CA GLU A 124 6.75 11.12 17.18
C GLU A 124 6.93 10.96 15.67
N LEU A 125 6.60 9.76 15.15
CA LEU A 125 6.73 9.50 13.71
C LEU A 125 5.81 10.33 12.84
N LYS A 126 4.71 10.87 13.36
CA LYS A 126 3.84 11.77 12.57
C LYS A 126 4.57 13.01 12.12
N GLN A 127 5.60 13.39 12.87
CA GLN A 127 6.35 14.54 12.49
C GLN A 127 7.05 14.32 11.17
N ASP A 128 7.19 13.07 10.75
CA ASP A 128 8.03 12.82 9.56
C ASP A 128 7.19 12.64 8.28
N ILE A 129 5.88 12.73 8.38
CA ILE A 129 4.96 12.61 7.24
C ILE A 129 4.01 13.80 7.28
N SER A 130 3.20 13.92 6.23
CA SER A 130 2.10 14.88 6.19
C SER A 130 0.90 14.21 5.59
N ILE A 131 -0.28 14.82 5.78
CA ILE A 131 -1.45 14.38 5.03
CA ILE A 131 -1.49 14.43 5.04
C ILE A 131 -1.39 15.10 3.68
N PRO A 132 -1.43 14.38 2.55
CA PRO A 132 -1.46 15.08 1.24
C PRO A 132 -2.58 16.09 1.13
N ASP A 133 -2.24 17.26 0.54
CA ASP A 133 -3.23 18.34 0.41
C ASP A 133 -4.45 17.90 -0.41
N TYR A 134 -4.26 16.91 -1.30
CA TYR A 134 -5.37 16.40 -2.11
C TYR A 134 -6.48 15.76 -1.32
N CYS A 135 -6.19 15.30 -0.10
CA CYS A 135 -7.23 14.71 0.72
C CYS A 135 -8.32 15.73 1.05
N SER A 136 -8.02 17.02 0.97
CA SER A 136 -9.03 18.01 1.29
C SER A 136 -10.11 18.10 0.22
N LEU A 137 -9.95 17.39 -0.87
CA LEU A 137 -10.99 17.29 -1.88
C LEU A 137 -12.05 16.31 -1.53
N GLY A 138 -11.86 15.51 -0.49
CA GLY A 138 -12.83 14.53 -0.12
C GLY A 138 -13.97 15.16 0.66
N ASP A 139 -14.97 14.34 0.93
CA ASP A 139 -16.13 14.72 1.77
C ASP A 139 -15.95 14.38 3.24
N GLY A 140 -14.89 13.67 3.61
CA GLY A 140 -14.69 13.25 4.99
C GLY A 140 -13.90 14.24 5.83
N GLU A 141 -13.79 13.95 7.12
CA GLU A 141 -13.04 14.79 8.03
C GLU A 141 -11.59 14.33 8.05
N GLU A 142 -10.67 15.27 8.19
CA GLU A 142 -9.25 14.90 8.33
C GLU A 142 -9.01 13.99 9.52
N GLU A 143 -9.78 14.17 10.62
CA GLU A 143 -9.63 13.38 11.83
C GLU A 143 -9.81 11.91 11.56
N GLU A 144 -10.60 11.57 10.55
CA GLU A 144 -11.00 10.20 10.32
C GLU A 144 -10.11 9.52 9.27
N ILE A 145 -9.13 10.22 8.73
CA ILE A 145 -8.20 9.59 7.77
C ILE A 145 -7.40 8.55 8.51
N THR A 146 -7.32 7.33 7.94
CA THR A 146 -6.59 6.25 8.56
C THR A 146 -5.23 6.15 7.90
N ILE A 147 -4.19 6.22 8.71
CA ILE A 147 -2.82 6.19 8.23
C ILE A 147 -2.21 4.86 8.68
N ASN A 148 -1.84 4.02 7.72
CA ASN A 148 -1.26 2.71 8.02
C ASN A 148 0.18 2.63 7.53
N ALA A 149 0.99 1.91 8.29
CA ALA A 149 2.32 1.54 7.89
C ALA A 149 2.32 0.13 7.30
N TRP A 150 3.23 -0.06 6.35
CA TRP A 150 3.45 -1.32 5.69
C TRP A 150 4.97 -1.46 5.60
N PHE A 151 5.56 -2.36 6.39
CA PHE A 151 7.00 -2.44 6.57
C PHE A 151 7.40 -3.91 6.52
N GLY A 152 8.24 -4.29 5.54
CA GLY A 152 8.59 -5.70 5.43
C GLY A 152 9.73 -5.89 4.47
N PRO A 153 10.21 -7.11 4.44
CA PRO A 153 11.30 -7.45 3.55
C PRO A 153 10.85 -7.53 2.11
N GLN A 154 11.85 -7.68 1.26
CA GLN A 154 11.61 -8.08 -0.12
CA GLN A 154 11.54 -8.01 -0.12
C GLN A 154 10.71 -9.29 -0.16
N GLY A 155 9.75 -9.32 -1.09
CA GLY A 155 8.91 -10.44 -1.35
C GLY A 155 7.59 -10.51 -0.62
N THR A 156 7.28 -9.56 0.22
CA THR A 156 5.93 -9.50 0.79
C THR A 156 4.93 -9.32 -0.34
N ILE A 157 3.78 -9.96 -0.21
CA ILE A 157 2.75 -9.88 -1.24
C ILE A 157 1.43 -9.55 -0.55
N SER A 158 0.71 -8.53 -1.04
CA SER A 158 -0.67 -8.32 -0.67
C SER A 158 -1.48 -8.78 -1.84
N PRO A 159 -2.30 -9.82 -1.68
CA PRO A 159 -3.09 -10.33 -2.77
C PRO A 159 -4.10 -9.32 -3.28
N LEU A 160 -4.56 -9.58 -4.49
CA LEU A 160 -5.48 -8.64 -5.16
C LEU A 160 -6.77 -8.43 -4.35
N HIS A 161 -7.06 -7.17 -4.01
CA HIS A 161 -8.20 -6.86 -3.13
C HIS A 161 -8.59 -5.41 -3.40
N GLN A 162 -9.75 -5.02 -2.86
CA GLN A 162 -10.23 -3.66 -2.99
C GLN A 162 -10.59 -3.13 -1.63
N ASP A 163 -10.55 -1.79 -1.51
CA ASP A 163 -10.80 -1.12 -0.23
C ASP A 163 -11.96 -0.16 -0.41
N PRO A 164 -12.64 0.17 0.67
CA PRO A 164 -13.85 1.00 0.58
C PRO A 164 -13.64 2.51 0.67
N GLN A 165 -12.39 3.00 0.66
CA GLN A 165 -12.06 4.41 0.66
C GLN A 165 -11.05 4.67 -0.44
N GLN A 166 -10.84 5.94 -0.73
CA GLN A 166 -9.70 6.39 -1.54
C GLN A 166 -8.40 6.09 -0.80
N ASN A 167 -7.30 5.95 -1.54
CA ASN A 167 -6.01 5.69 -0.89
C ASN A 167 -4.90 6.48 -1.57
N PHE A 168 -4.02 7.10 -0.80
CA PHE A 168 -2.70 7.56 -1.28
C PHE A 168 -1.69 6.63 -0.64
N LEU A 169 -0.99 5.86 -1.45
CA LEU A 169 0.07 4.94 -1.00
C LEU A 169 1.43 5.58 -1.26
N VAL A 170 2.10 5.99 -0.18
CA VAL A 170 3.33 6.73 -0.25
C VAL A 170 4.48 5.75 -0.06
N GLN A 171 5.39 5.72 -0.99
CA GLN A 171 6.52 4.80 -0.90
C GLN A 171 7.72 5.52 -0.27
N VAL A 172 8.25 5.00 0.82
CA VAL A 172 9.33 5.64 1.57
C VAL A 172 10.67 4.97 1.36
N MET A 173 10.70 3.65 1.46
CA MET A 173 11.90 2.84 1.34
CA MET A 173 11.89 2.82 1.35
C MET A 173 11.61 1.71 0.35
N GLY A 174 12.55 1.42 -0.57
CA GLY A 174 12.37 0.31 -1.48
C GLY A 174 11.32 0.54 -2.54
N ARG A 175 11.12 -0.47 -3.36
CA ARG A 175 10.23 -0.41 -4.52
C ARG A 175 9.16 -1.51 -4.40
N LYS A 176 8.00 -1.26 -4.98
CA LYS A 176 6.93 -2.22 -5.07
C LYS A 176 6.42 -2.35 -6.48
N TYR A 177 6.16 -3.58 -6.90
CA TYR A 177 5.43 -3.85 -8.11
C TYR A 177 3.94 -3.88 -7.77
N ILE A 178 3.17 -3.11 -8.53
CA ILE A 178 1.74 -2.95 -8.23
C ILE A 178 0.96 -3.20 -9.47
N ARG A 179 -0.08 -4.03 -9.34
CA ARG A 179 -1.02 -4.25 -10.42
CA ARG A 179 -1.01 -4.19 -10.45
C ARG A 179 -2.39 -3.73 -10.01
N LEU A 180 -3.10 -3.06 -10.92
CA LEU A 180 -4.38 -2.40 -10.68
C LEU A 180 -5.42 -2.80 -11.69
N TYR A 181 -6.55 -3.27 -11.21
CA TYR A 181 -7.72 -3.64 -12.03
C TYR A 181 -8.90 -2.81 -11.63
N SER A 182 -9.61 -2.24 -12.62
CA SER A 182 -10.72 -1.38 -12.35
CA SER A 182 -10.69 -1.36 -12.29
C SER A 182 -11.87 -2.14 -11.69
N PRO A 183 -12.69 -1.47 -10.88
CA PRO A 183 -13.88 -2.15 -10.40
C PRO A 183 -14.78 -2.68 -11.52
N GLN A 184 -14.72 -2.12 -12.70
CA GLN A 184 -15.48 -2.67 -13.84
CA GLN A 184 -15.56 -2.72 -13.73
C GLN A 184 -15.05 -4.10 -14.16
N GLU A 185 -13.85 -4.50 -13.76
CA GLU A 185 -13.38 -5.82 -14.10
C GLU A 185 -13.68 -6.87 -13.03
N SER A 186 -14.47 -6.55 -11.99
CA SER A 186 -14.63 -7.45 -10.85
C SER A 186 -15.09 -8.88 -11.20
N GLY A 187 -15.93 -9.01 -12.23
CA GLY A 187 -16.36 -10.35 -12.67
C GLY A 187 -15.21 -11.25 -13.11
N ALA A 188 -14.17 -10.67 -13.67
CA ALA A 188 -13.05 -11.46 -14.13
C ALA A 188 -12.04 -11.77 -13.02
N LEU A 189 -12.27 -11.30 -11.78
CA LEU A 189 -11.32 -11.42 -10.69
C LEU A 189 -11.82 -12.41 -9.63
N TYR A 190 -12.99 -12.99 -9.87
CA TYR A 190 -13.51 -14.06 -9.01
C TYR A 190 -13.36 -13.79 -7.53
N PRO A 191 -14.06 -12.80 -7.00
CA PRO A 191 -13.98 -12.51 -5.58
C PRO A 191 -14.44 -13.72 -4.78
N HIS A 192 -13.84 -13.90 -3.61
CA HIS A 192 -14.29 -14.92 -2.65
C HIS A 192 -15.73 -14.64 -2.24
N ASP A 193 -16.46 -15.72 -1.92
CA ASP A 193 -17.87 -15.63 -1.53
C ASP A 193 -18.08 -15.38 -0.04
N THR A 194 -17.11 -15.67 0.81
CA THR A 194 -17.23 -15.42 2.25
C THR A 194 -17.19 -13.93 2.53
N HIS A 195 -17.91 -13.50 3.56
CA HIS A 195 -17.98 -12.09 3.90
CA HIS A 195 -17.94 -12.07 3.79
C HIS A 195 -16.64 -11.57 4.44
N LEU A 196 -15.85 -12.44 5.07
CA LEU A 196 -14.54 -11.98 5.53
C LEU A 196 -13.64 -11.62 4.34
N LEU A 197 -13.85 -12.27 3.18
CA LEU A 197 -12.93 -12.12 2.06
C LEU A 197 -13.62 -11.65 0.78
N HIS A 198 -14.84 -11.12 0.82
CA HIS A 198 -15.54 -10.77 -0.41
CA HIS A 198 -15.54 -10.77 -0.42
C HIS A 198 -14.85 -9.61 -1.14
N ASN A 199 -13.98 -8.87 -0.46
CA ASN A 199 -13.23 -7.79 -1.08
C ASN A 199 -11.90 -8.31 -1.64
N THR A 200 -11.69 -9.63 -1.70
CA THR A 200 -10.39 -10.19 -2.10
C THR A 200 -10.61 -11.15 -3.26
N SER A 201 -9.72 -11.13 -4.24
CA SER A 201 -9.83 -12.00 -5.39
C SER A 201 -9.35 -13.40 -5.02
N GLN A 202 -9.97 -14.43 -5.63
CA GLN A 202 -9.39 -15.76 -5.53
C GLN A 202 -8.15 -16.01 -6.37
N VAL A 203 -7.81 -15.11 -7.26
CA VAL A 203 -6.75 -15.32 -8.23
C VAL A 203 -5.40 -14.89 -7.68
N ASP A 204 -4.37 -15.69 -7.96
CA ASP A 204 -2.97 -15.31 -7.72
CA ASP A 204 -2.97 -15.31 -7.72
C ASP A 204 -2.47 -14.56 -8.94
N VAL A 205 -2.38 -13.22 -8.83
CA VAL A 205 -2.14 -12.37 -9.95
C VAL A 205 -0.96 -12.84 -10.79
N GLU A 206 0.14 -13.18 -10.15
CA GLU A 206 1.36 -13.43 -10.93
C GLU A 206 1.49 -14.87 -11.37
N ASN A 207 0.60 -15.76 -10.93
CA ASN A 207 0.62 -17.15 -11.40
C ASN A 207 -0.82 -17.66 -11.41
N PRO A 208 -1.66 -17.09 -12.25
CA PRO A 208 -3.09 -17.39 -12.14
C PRO A 208 -3.40 -18.79 -12.64
N ASP A 209 -4.43 -19.39 -12.07
CA ASP A 209 -4.89 -20.71 -12.55
C ASP A 209 -5.95 -20.46 -13.58
N LEU A 210 -5.55 -20.45 -14.84
CA LEU A 210 -6.47 -20.04 -15.89
C LEU A 210 -7.44 -21.16 -16.24
N GLU A 211 -7.18 -22.37 -15.75
CA GLU A 211 -8.18 -23.41 -15.95
C GLU A 211 -9.38 -23.16 -15.07
N LYS A 212 -9.13 -22.67 -13.87
CA LYS A 212 -10.21 -22.40 -12.89
C LYS A 212 -10.78 -20.99 -13.08
N PHE A 213 -9.96 -20.06 -13.55
CA PHE A 213 -10.31 -18.63 -13.60
C PHE A 213 -10.02 -18.06 -14.99
N PRO A 214 -10.62 -18.59 -16.04
CA PRO A 214 -10.18 -18.22 -17.39
C PRO A 214 -10.42 -16.76 -17.74
N LYS A 215 -11.45 -16.15 -17.13
CA LYS A 215 -11.74 -14.77 -17.50
C LYS A 215 -10.62 -13.83 -17.07
N PHE A 216 -9.80 -14.27 -16.13
CA PHE A 216 -8.73 -13.38 -15.62
C PHE A 216 -7.76 -12.99 -16.73
N ALA A 217 -7.54 -13.88 -17.69
CA ALA A 217 -6.47 -13.70 -18.65
C ALA A 217 -6.69 -12.50 -19.52
N LYS A 218 -7.95 -12.20 -19.83
CA LYS A 218 -8.23 -11.10 -20.73
C LYS A 218 -8.55 -9.82 -20.00
N ALA A 219 -8.54 -9.81 -18.66
CA ALA A 219 -8.93 -8.60 -17.96
C ALA A 219 -7.83 -7.55 -18.11
N PRO A 220 -8.14 -6.36 -18.56
CA PRO A 220 -7.10 -5.33 -18.67
C PRO A 220 -6.69 -4.79 -17.32
N PHE A 221 -5.48 -4.26 -17.26
CA PHE A 221 -4.98 -3.72 -16.02
C PHE A 221 -3.95 -2.64 -16.30
N LEU A 222 -3.57 -1.94 -15.23
CA LEU A 222 -2.45 -0.99 -15.17
C LEU A 222 -1.40 -1.57 -14.23
N SER A 223 -0.14 -1.24 -14.47
CA SER A 223 0.87 -1.66 -13.51
C SER A 223 1.93 -0.57 -13.39
N CYS A 224 2.69 -0.65 -12.32
CA CYS A 224 3.80 0.27 -12.10
C CYS A 224 4.78 -0.37 -11.13
N ILE A 225 5.97 0.21 -11.10
CA ILE A 225 6.91 0.00 -10.01
C ILE A 225 6.95 1.31 -9.27
N LEU A 226 6.53 1.29 -8.02
CA LEU A 226 6.45 2.49 -7.22
C LEU A 226 7.73 2.62 -6.42
N SER A 227 8.41 3.73 -6.58
CA SER A 227 9.70 3.97 -5.99
C SER A 227 9.65 5.02 -4.88
N PRO A 228 10.72 5.14 -4.10
CA PRO A 228 10.68 6.07 -2.96
C PRO A 228 10.41 7.50 -3.39
N GLY A 229 9.61 8.18 -2.58
CA GLY A 229 9.20 9.57 -2.82
C GLY A 229 7.97 9.71 -3.68
N GLU A 230 7.45 8.62 -4.28
CA GLU A 230 6.30 8.63 -5.17
C GLU A 230 5.05 8.27 -4.42
N ILE A 231 3.92 8.82 -4.85
CA ILE A 231 2.64 8.52 -4.25
C ILE A 231 1.75 7.89 -5.31
N LEU A 232 1.17 6.74 -5.02
CA LEU A 232 0.16 6.12 -5.87
C LEU A 232 -1.23 6.44 -5.35
N PHE A 233 -2.05 7.03 -6.23
CA PHE A 233 -3.48 7.19 -5.94
C PHE A 233 -4.20 5.96 -6.41
N ILE A 234 -4.82 5.26 -5.43
CA ILE A 234 -5.64 4.10 -5.72
C ILE A 234 -7.10 4.48 -5.48
N PRO A 235 -7.87 4.70 -6.56
CA PRO A 235 -9.27 5.11 -6.39
C PRO A 235 -10.06 4.13 -5.54
N VAL A 236 -11.08 4.63 -4.84
CA VAL A 236 -11.96 3.77 -4.06
C VAL A 236 -12.51 2.60 -4.88
N LYS A 237 -12.33 1.41 -4.31
CA LYS A 237 -12.73 0.12 -4.85
CA LYS A 237 -12.74 0.13 -4.85
C LYS A 237 -11.86 -0.39 -6.01
N TYR A 238 -10.76 0.29 -6.37
CA TYR A 238 -9.90 -0.21 -7.41
C TYR A 238 -9.16 -1.42 -6.82
N TRP A 239 -9.11 -2.52 -7.56
CA TRP A 239 -8.44 -3.71 -7.09
C TRP A 239 -6.93 -3.50 -7.27
N HIS A 240 -6.17 -3.86 -6.23
CA HIS A 240 -4.73 -3.64 -6.21
C HIS A 240 -4.06 -4.87 -5.63
N TYR A 241 -2.90 -5.17 -6.20
CA TYR A 241 -2.02 -6.29 -5.84
C TYR A 241 -0.63 -5.71 -5.71
N VAL A 242 0.10 -6.06 -4.65
CA VAL A 242 1.35 -5.38 -4.33
C VAL A 242 2.41 -6.40 -3.94
N ARG A 243 3.57 -6.32 -4.57
CA ARG A 243 4.70 -7.18 -4.21
C ARG A 243 5.94 -6.33 -3.95
N ALA A 244 6.56 -6.47 -2.78
CA ALA A 244 7.74 -5.68 -2.48
C ALA A 244 8.98 -6.26 -3.22
N LEU A 245 9.69 -5.38 -3.93
CA LEU A 245 10.90 -5.84 -4.67
C LEU A 245 12.18 -5.71 -3.88
N ASP A 246 12.18 -4.94 -2.81
CA ASP A 246 13.30 -4.70 -1.91
C ASP A 246 12.72 -4.64 -0.51
N LEU A 247 13.59 -4.59 0.52
CA LEU A 247 13.15 -4.06 1.81
C LEU A 247 12.36 -2.79 1.62
N SER A 248 11.12 -2.78 2.20
CA SER A 248 10.17 -1.75 1.83
C SER A 248 9.48 -1.16 3.05
N PHE A 249 9.18 0.13 2.95
CA PHE A 249 8.32 0.81 3.92
C PHE A 249 7.40 1.70 3.11
N SER A 250 6.08 1.53 3.27
CA SER A 250 5.09 2.38 2.65
C SER A 250 4.16 2.92 3.72
N VAL A 251 3.53 4.06 3.42
CA VAL A 251 2.56 4.68 4.32
C VAL A 251 1.31 4.91 3.50
N SER A 252 0.17 4.35 3.92
CA SER A 252 -1.08 4.60 3.23
C SER A 252 -1.98 5.54 3.99
N PHE A 253 -2.72 6.32 3.22
CA PHE A 253 -3.72 7.25 3.76
C PHE A 253 -5.06 6.83 3.16
N TRP A 254 -5.98 6.36 3.99
CA TRP A 254 -7.32 5.97 3.58
C TRP A 254 -8.24 7.14 3.92
N TRP A 255 -8.91 7.66 2.88
CA TRP A 255 -9.66 8.91 3.02
C TRP A 255 -10.86 8.90 2.11
N SER A 256 -11.79 9.82 2.39
CA SER A 256 -13.03 9.89 1.62
C SER A 256 -13.41 11.33 1.41
MN MN B . -5.46 -2.13 0.26
C1 2HG C . -3.21 -0.39 0.88
O1 2HG C . -4.42 -0.37 1.03
C2 2HG C . -2.55 -1.60 0.33
O2 2HG C . -2.51 0.63 1.08
C3 2HG C . -1.05 -1.78 0.58
O3 2HG C . -3.32 -2.65 0.25
C4 2HG C . -0.60 -3.19 0.29
O4 2HG C . 1.46 -4.47 0.51
C5 2HG C . 0.94 -3.32 0.37
O5 2HG C . 1.62 -2.25 0.24
H2 2HG C . -2.51 -1.35 -0.61
H3 2HG C . -0.56 -1.17 0.01
H3A 2HG C . -0.86 -1.58 1.51
HO3 2HG C . -3.03 -3.17 -0.37
H4 2HG C . -0.89 -3.44 -0.60
H4A 2HG C . -1.01 -3.79 0.94
C TRS D . -15.98 7.91 -7.68
C1 TRS D . -15.62 8.18 -6.22
C2 TRS D . -14.74 7.72 -8.50
C3 TRS D . -16.95 8.95 -8.23
N TRS D . -16.68 6.67 -7.86
O1 TRS D . -14.65 9.22 -6.07
O2 TRS D . -13.99 6.64 -7.92
O3 TRS D . -16.43 10.21 -8.07
H11 TRS D . -16.52 8.45 -5.68
H12 TRS D . -15.23 7.26 -5.78
H21 TRS D . -14.15 8.63 -8.52
H22 TRS D . -15.00 7.46 -9.53
H31 TRS D . -17.12 8.76 -9.29
H32 TRS D . -17.90 8.87 -7.71
HN1 TRS D . -17.58 6.62 -7.38
HN2 TRS D . -16.11 5.85 -7.75
HN3 TRS D . -16.93 6.66 -8.84
HO1 TRS D . -14.45 9.35 -5.12
HO2 TRS D . -13.17 6.50 -8.44
HO3 TRS D . -17.06 10.88 -8.43
C1 GOL E . 0.60 19.57 -3.90
O1 GOL E . 0.79 19.22 -2.54
C2 GOL E . -0.62 20.48 -4.04
O2 GOL E . -0.68 21.40 -2.95
C3 GOL E . -0.49 21.25 -5.35
O3 GOL E . -1.68 21.95 -5.61
H11 GOL E . 1.49 20.08 -4.27
H12 GOL E . 0.45 18.67 -4.50
HO1 GOL E . 1.53 18.58 -2.47
H2 GOL E . -1.52 19.87 -4.07
HO2 GOL E . 0.12 21.95 -2.94
H31 GOL E . 0.35 21.95 -5.29
H32 GOL E . -0.29 20.55 -6.16
HO3 GOL E . -2.23 21.96 -4.80
C1 GOL F . -6.90 -7.28 2.76
O1 GOL F . -8.00 -6.43 3.05
C2 GOL F . -5.64 -6.46 2.46
O2 GOL F . -5.59 -5.32 3.29
C3 GOL F . -4.40 -7.35 2.50
O3 GOL F . -3.25 -6.56 2.37
H11 GOL F . -6.71 -7.93 3.61
H12 GOL F . -7.14 -7.91 1.91
HO1 GOL F . -8.81 -6.96 3.17
H2 GOL F . -5.74 -6.11 1.43
HO2 GOL F . -5.48 -5.60 4.23
H31 GOL F . -4.37 -7.91 3.44
H32 GOL F . -4.44 -8.08 1.68
HO3 GOL F . -2.55 -7.06 1.90
C1 GOL G . -4.13 -16.14 -3.87
O1 GOL G . -2.87 -15.53 -3.73
C2 GOL G . -5.11 -15.37 -3.02
O2 GOL G . -5.71 -14.42 -3.87
C3 GOL G . -6.15 -16.32 -2.44
O3 GOL G . -7.23 -15.51 -2.03
H11 GOL G . -4.44 -16.13 -4.91
H12 GOL G . -4.07 -17.19 -3.54
HO1 GOL G . -2.19 -16.04 -4.21
H2 GOL G . -4.57 -14.87 -2.21
HO2 GOL G . -6.17 -14.88 -4.61
H31 GOL G . -6.47 -17.04 -3.20
H32 GOL G . -5.74 -16.85 -1.59
HO3 GOL G . -7.04 -15.12 -1.16
#